data_7BVX
#
_entry.id   7BVX
#
_cell.length_a   60.045
_cell.length_b   114.919
_cell.length_c   122.240
_cell.angle_alpha   90.00
_cell.angle_beta   90.00
_cell.angle_gamma   90.00
#
_symmetry.space_group_name_H-M   'I 2 2 2'
#
loop_
_entity.id
_entity.type
_entity.pdbx_description
1 polymer 'Pilus assembly protein'
2 non-polymer 'IODIDE ION'
#
_entity_poly.entity_id   1
_entity_poly.type   'polypeptide(L)'
_entity_poly.pdbx_seq_one_letter_code
;MGSSHHHHHHSSGLVPRGSHMTNQQYGFQFQKKTTDGTDLSADQLKAMQFNLTQYSDNSFQQASKTNAITSTDLQALAPG
YYGIQEAAAPTGYQLDGTTYLFQLTSDGQWQYHGTKDNVTSGSVINGQQTLNPVGDKSDDFTVTGDHQQILTLTKYDEPK
PSMTLRVIKQDNQSQYLAGAAFTLQPSAGEAETITSSATSEGQAFATKLVADGTYTMSETKAPDGYQSNPAKIAIQVATT
GKEATVTIDGEALKPGESKNGYTLAIDGSTITLQAINQPLAILPLEHHHHHH
;
_entity_poly.pdbx_strand_id   A
#
loop_
_chem_comp.id
_chem_comp.type
_chem_comp.name
_chem_comp.formula
IOD non-polymer 'IODIDE ION' 'I -1'
#
# COMPACT_ATOMS: atom_id res chain seq x y z
N GLN A 25 14.93 -23.44 -23.88
CA GLN A 25 14.81 -24.37 -22.66
C GLN A 25 13.70 -23.82 -21.74
N TYR A 26 12.57 -24.54 -21.68
CA TYR A 26 11.25 -24.03 -21.26
C TYR A 26 11.32 -23.43 -19.86
N GLY A 27 10.74 -22.24 -19.65
CA GLY A 27 10.93 -21.47 -18.39
C GLY A 27 9.75 -20.57 -18.03
N PHE A 28 9.73 -19.96 -16.84
CA PHE A 28 8.59 -19.17 -16.32
C PHE A 28 9.07 -17.96 -15.53
N GLN A 29 8.17 -17.01 -15.28
CA GLN A 29 8.58 -15.64 -14.92
C GLN A 29 7.37 -14.86 -14.40
N PHE A 30 7.59 -13.78 -13.67
CA PHE A 30 6.49 -12.87 -13.32
C PHE A 30 7.04 -11.48 -13.10
N GLN A 31 6.44 -10.50 -13.77
CA GLN A 31 6.73 -9.09 -13.53
C GLN A 31 5.63 -8.52 -12.64
N LYS A 32 6.10 -7.77 -11.67
CA LYS A 32 5.23 -7.18 -10.65
C LYS A 32 4.86 -5.78 -11.13
N LYS A 33 3.61 -5.35 -10.86
CA LYS A 33 3.01 -4.10 -11.37
C LYS A 33 2.06 -3.51 -10.32
N THR A 34 1.90 -2.20 -10.40
CA THR A 34 1.21 -1.36 -9.39
C THR A 34 0.11 -0.58 -10.12
N THR A 35 -1.14 -0.77 -9.67
CA THR A 35 -2.34 -0.04 -10.15
C THR A 35 -2.21 1.44 -9.81
N ASP A 36 -1.66 1.74 -8.62
CA ASP A 36 -1.41 3.12 -8.16
C ASP A 36 -0.61 3.83 -9.27
N GLY A 37 0.02 3.06 -10.18
CA GLY A 37 1.03 3.56 -11.13
C GLY A 37 2.34 3.73 -10.38
N THR A 38 2.26 3.68 -9.05
CA THR A 38 3.37 3.86 -8.08
C THR A 38 4.49 2.90 -8.46
N ASP A 39 5.60 3.41 -8.97
CA ASP A 39 6.80 2.56 -9.18
C ASP A 39 7.51 2.45 -7.83
N LEU A 40 7.07 1.56 -6.92
CA LEU A 40 7.83 1.14 -5.70
C LEU A 40 8.65 -0.11 -6.05
N SER A 41 9.96 0.07 -6.11
CA SER A 41 10.96 -1.02 -6.24
C SER A 41 11.92 -1.02 -5.04
N ALA A 42 11.94 0.03 -4.22
CA ALA A 42 12.96 0.12 -3.14
C ALA A 42 12.80 -1.10 -2.21
N ASP A 43 11.61 -1.24 -1.64
CA ASP A 43 11.31 -2.28 -0.63
C ASP A 43 10.18 -3.16 -1.17
N GLN A 44 10.09 -3.25 -2.49
CA GLN A 44 9.11 -4.17 -3.12
C GLN A 44 9.57 -5.59 -2.79
N LEU A 45 10.65 -6.04 -3.43
CA LEU A 45 11.10 -7.43 -3.15
C LEU A 45 11.45 -7.55 -1.67
N LYS A 46 11.29 -6.46 -0.94
CA LYS A 46 11.61 -6.40 0.51
C LYS A 46 10.91 -7.57 1.21
N ALA A 47 9.57 -7.58 1.18
CA ALA A 47 8.81 -8.66 1.84
C ALA A 47 7.94 -9.35 0.79
N MET A 48 8.15 -9.01 -0.48
CA MET A 48 7.41 -9.64 -1.59
C MET A 48 7.79 -11.12 -1.60
N GLN A 49 6.81 -12.00 -1.76
CA GLN A 49 7.06 -13.47 -1.87
C GLN A 49 6.07 -14.09 -2.84
N PHE A 50 6.56 -14.99 -3.68
CA PHE A 50 5.79 -15.70 -4.72
C PHE A 50 6.12 -17.19 -4.69
N ASN A 51 5.09 -17.97 -4.49
CA ASN A 51 5.21 -19.43 -4.39
C ASN A 51 4.76 -19.99 -5.75
N LEU A 52 5.62 -20.84 -6.34
CA LEU A 52 5.27 -21.74 -7.47
C LEU A 52 5.10 -23.16 -6.94
N THR A 53 3.91 -23.73 -7.02
CA THR A 53 3.75 -25.19 -6.79
C THR A 53 3.81 -25.98 -8.10
N GLN A 54 4.39 -27.18 -8.02
CA GLN A 54 4.38 -28.16 -9.14
C GLN A 54 3.37 -29.24 -8.78
N TYR A 55 2.14 -29.09 -9.22
CA TYR A 55 1.06 -30.06 -8.90
C TYR A 55 1.24 -31.40 -9.61
N SER A 56 0.84 -32.48 -8.95
CA SER A 56 1.05 -33.88 -9.40
C SER A 56 0.05 -34.25 -10.48
N ASP A 57 -1.23 -33.88 -10.31
CA ASP A 57 -2.31 -34.21 -11.27
C ASP A 57 -2.89 -32.91 -11.85
N ASN A 58 -3.62 -33.01 -12.94
CA ASN A 58 -4.39 -31.85 -13.47
C ASN A 58 -5.44 -31.43 -12.43
N SER A 59 -5.86 -32.34 -11.55
CA SER A 59 -6.77 -32.05 -10.40
C SER A 59 -6.26 -30.92 -9.51
N PHE A 60 -4.94 -30.79 -9.36
CA PHE A 60 -4.19 -29.82 -8.51
C PHE A 60 -4.53 -29.96 -7.03
N GLN A 61 -5.07 -31.11 -6.66
CA GLN A 61 -5.45 -31.43 -5.29
C GLN A 61 -4.19 -31.65 -4.48
N GLN A 62 -3.10 -32.05 -5.12
CA GLN A 62 -1.90 -32.50 -4.40
C GLN A 62 -0.71 -31.91 -5.08
N ALA A 63 0.25 -31.49 -4.26
CA ALA A 63 1.38 -30.61 -4.66
C ALA A 63 2.67 -31.36 -4.44
N SER A 64 3.40 -31.68 -5.50
CA SER A 64 4.54 -32.58 -5.34
C SER A 64 5.75 -31.78 -4.93
N LYS A 65 6.05 -30.67 -5.59
CA LYS A 65 7.16 -29.76 -5.22
C LYS A 65 6.60 -28.33 -5.18
N THR A 66 7.31 -27.43 -4.52
CA THR A 66 6.91 -26.02 -4.33
C THR A 66 8.15 -25.21 -4.00
N ASN A 67 8.20 -23.95 -4.39
CA ASN A 67 9.42 -23.17 -4.07
C ASN A 67 9.24 -21.74 -4.50
N ALA A 68 9.95 -20.84 -3.81
CA ALA A 68 9.88 -19.37 -3.96
C ALA A 68 10.40 -19.01 -5.35
N ILE A 69 10.03 -17.82 -5.85
CA ILE A 69 10.55 -17.29 -7.14
C ILE A 69 10.30 -15.77 -7.17
N THR A 70 11.27 -15.01 -7.66
CA THR A 70 11.37 -13.55 -7.47
C THR A 70 11.19 -12.88 -8.82
N SER A 71 11.04 -11.56 -8.80
CA SER A 71 10.84 -10.69 -9.99
C SER A 71 11.84 -11.04 -11.08
N THR A 72 13.10 -11.22 -10.68
CA THR A 72 14.35 -11.20 -11.49
C THR A 72 14.78 -12.60 -11.83
N ASP A 73 13.89 -13.52 -11.52
CA ASP A 73 14.24 -14.95 -11.41
C ASP A 73 13.58 -15.63 -12.60
N LEU A 74 14.28 -16.39 -13.43
CA LEU A 74 13.60 -17.26 -14.45
C LEU A 74 13.96 -18.71 -14.19
N GLN A 75 12.92 -19.53 -14.15
CA GLN A 75 13.08 -20.90 -13.70
C GLN A 75 12.52 -21.86 -14.73
N ALA A 76 13.42 -22.63 -15.38
CA ALA A 76 13.19 -23.85 -16.17
C ALA A 76 12.03 -24.64 -15.58
N LEU A 77 11.13 -25.10 -16.43
CA LEU A 77 10.03 -25.96 -15.99
C LEU A 77 10.02 -27.16 -16.96
N ALA A 78 10.06 -28.36 -16.46
CA ALA A 78 9.65 -29.53 -17.24
C ALA A 78 8.14 -29.48 -17.40
N PRO A 79 7.58 -30.31 -18.30
CA PRO A 79 6.15 -30.29 -18.56
C PRO A 79 5.50 -30.78 -17.27
N GLY A 80 4.33 -30.24 -16.90
CA GLY A 80 3.72 -30.54 -15.59
C GLY A 80 2.49 -29.73 -15.32
N TYR A 81 1.90 -29.87 -14.17
CA TYR A 81 0.77 -29.02 -13.74
C TYR A 81 1.40 -28.08 -12.75
N TYR A 82 0.85 -26.88 -12.55
CA TYR A 82 1.56 -25.79 -11.82
C TYR A 82 0.65 -24.65 -11.44
N GLY A 83 0.86 -24.13 -10.24
CA GLY A 83 0.16 -22.92 -9.78
C GLY A 83 1.15 -21.82 -9.53
N ILE A 84 0.75 -20.56 -9.75
CA ILE A 84 1.56 -19.41 -9.28
C ILE A 84 0.69 -18.54 -8.43
N GLN A 85 1.21 -18.12 -7.29
CA GLN A 85 0.47 -17.43 -6.22
C GLN A 85 1.41 -16.42 -5.60
N GLU A 86 0.86 -15.42 -4.96
CA GLU A 86 1.69 -14.53 -4.14
C GLU A 86 1.32 -14.83 -2.71
N ALA A 87 2.30 -15.00 -1.84
CA ALA A 87 2.05 -15.28 -0.41
C ALA A 87 2.49 -14.06 0.39
N ALA A 88 3.21 -13.15 -0.24
CA ALA A 88 3.54 -11.89 0.44
C ALA A 88 3.80 -10.82 -0.60
N ALA A 89 2.85 -9.89 -0.70
CA ALA A 89 2.96 -8.69 -1.54
C ALA A 89 3.90 -7.73 -0.82
N PRO A 90 4.48 -6.76 -1.56
CA PRO A 90 5.36 -5.78 -0.95
C PRO A 90 4.59 -4.92 0.05
N THR A 91 5.29 -4.43 1.08
CA THR A 91 4.73 -3.63 2.21
C THR A 91 4.02 -2.40 1.63
N GLY A 92 2.70 -2.25 1.89
CA GLY A 92 1.82 -1.18 1.38
C GLY A 92 1.08 -1.53 0.07
N TYR A 93 0.60 -2.75 -0.07
CA TYR A 93 -0.32 -3.15 -1.15
C TYR A 93 -0.88 -4.50 -0.69
N GLN A 94 -2.15 -4.81 -0.83
CA GLN A 94 -2.67 -6.04 -0.15
C GLN A 94 -2.40 -7.26 -1.04
N LEU A 95 -2.22 -8.44 -0.41
CA LEU A 95 -1.96 -9.73 -1.12
C LEU A 95 -3.20 -10.14 -1.90
N ASP A 96 -3.02 -10.50 -3.16
CA ASP A 96 -3.98 -11.31 -3.92
C ASP A 96 -3.64 -12.78 -3.67
N GLY A 97 -4.31 -13.42 -2.70
CA GLY A 97 -3.96 -14.80 -2.29
C GLY A 97 -4.19 -15.81 -3.42
N THR A 98 -4.57 -15.30 -4.60
CA THR A 98 -5.04 -16.13 -5.72
C THR A 98 -3.86 -16.93 -6.26
N THR A 99 -4.13 -18.20 -6.54
CA THR A 99 -3.19 -19.16 -7.15
C THR A 99 -3.67 -19.40 -8.57
N TYR A 100 -2.93 -18.94 -9.57
CA TYR A 100 -3.34 -19.13 -10.97
C TYR A 100 -2.73 -20.42 -11.46
N LEU A 101 -3.51 -21.30 -12.06
CA LEU A 101 -3.07 -22.65 -12.46
C LEU A 101 -2.66 -22.63 -13.93
N PHE A 102 -1.61 -23.34 -14.31
CA PHE A 102 -1.32 -23.58 -15.75
C PHE A 102 -0.64 -24.93 -15.98
N GLN A 103 -0.22 -25.17 -17.22
CA GLN A 103 0.34 -26.48 -17.65
C GLN A 103 1.31 -26.26 -18.80
N LEU A 104 2.45 -26.93 -18.73
CA LEU A 104 3.37 -27.13 -19.85
C LEU A 104 3.22 -28.59 -20.28
N THR A 105 3.46 -28.92 -21.56
CA THR A 105 3.15 -30.25 -22.12
C THR A 105 4.34 -30.83 -22.86
N SER A 106 4.34 -32.14 -23.08
CA SER A 106 5.52 -32.82 -23.63
C SER A 106 5.89 -32.11 -24.94
N ASP A 107 4.86 -31.66 -25.67
CA ASP A 107 4.98 -31.04 -27.00
C ASP A 107 5.65 -29.69 -26.81
N GLY A 108 5.08 -28.85 -25.95
CA GLY A 108 5.54 -27.46 -25.72
C GLY A 108 4.43 -26.44 -25.58
N GLN A 109 3.16 -26.85 -25.59
CA GLN A 109 1.99 -25.93 -25.52
C GLN A 109 1.80 -25.51 -24.08
N TRP A 110 1.46 -24.25 -23.82
CA TRP A 110 1.08 -23.73 -22.48
C TRP A 110 -0.46 -23.56 -22.42
N GLN A 111 -1.11 -24.13 -21.42
CA GLN A 111 -2.60 -24.09 -21.31
C GLN A 111 -2.93 -23.14 -20.16
N TYR A 112 -4.04 -23.37 -19.45
CA TYR A 112 -4.46 -22.51 -18.32
C TYR A 112 -5.73 -23.03 -17.67
N HIS A 113 -5.70 -23.22 -16.36
CA HIS A 113 -6.75 -23.97 -15.65
C HIS A 113 -7.36 -23.18 -14.48
N GLY A 114 -7.15 -21.86 -14.36
CA GLY A 114 -7.95 -21.00 -13.45
C GLY A 114 -7.35 -20.82 -12.07
N THR A 115 -8.07 -21.15 -11.01
CA THR A 115 -7.66 -20.84 -9.61
C THR A 115 -8.11 -21.98 -8.72
N LYS A 116 -7.48 -22.17 -7.56
CA LYS A 116 -7.88 -23.25 -6.62
C LYS A 116 -9.29 -22.96 -6.04
N ASP A 117 -9.83 -21.74 -6.20
CA ASP A 117 -11.30 -21.49 -6.11
C ASP A 117 -12.07 -22.41 -7.07
N ASN A 118 -11.78 -22.30 -8.36
CA ASN A 118 -12.57 -22.85 -9.50
C ASN A 118 -11.61 -23.29 -10.60
N VAL A 119 -11.38 -24.62 -10.71
CA VAL A 119 -10.32 -25.24 -11.55
C VAL A 119 -10.89 -25.54 -12.95
N THR A 120 -10.56 -24.68 -13.93
CA THR A 120 -10.99 -24.76 -15.36
C THR A 120 -10.48 -26.05 -16.03
N SER A 121 -11.16 -26.40 -17.13
CA SER A 121 -10.87 -27.55 -18.03
C SER A 121 -9.46 -27.40 -18.62
N GLY A 122 -9.00 -26.17 -18.85
CA GLY A 122 -7.62 -25.90 -19.28
C GLY A 122 -7.58 -25.46 -20.72
N SER A 123 -7.52 -24.15 -20.98
CA SER A 123 -7.64 -23.52 -22.31
C SER A 123 -6.25 -23.12 -22.82
N VAL A 124 -5.85 -23.61 -24.00
CA VAL A 124 -4.50 -23.30 -24.56
C VAL A 124 -4.32 -21.78 -24.53
N ILE A 125 -3.18 -21.33 -24.06
CA ILE A 125 -2.87 -19.87 -23.98
C ILE A 125 -2.18 -19.51 -25.29
N ASN A 126 -2.93 -18.92 -26.21
CA ASN A 126 -2.33 -18.43 -27.48
C ASN A 126 -2.15 -16.92 -27.38
N GLY A 127 -0.88 -16.49 -27.38
CA GLY A 127 -0.50 -15.09 -27.11
C GLY A 127 -0.80 -14.68 -25.67
N GLN A 128 -2.06 -14.55 -25.26
CA GLN A 128 -2.40 -14.12 -23.88
C GLN A 128 -3.79 -14.61 -23.51
N GLN A 129 -3.99 -15.06 -22.27
CA GLN A 129 -5.35 -15.08 -21.68
C GLN A 129 -5.35 -14.07 -20.54
N THR A 130 -6.25 -13.11 -20.63
CA THR A 130 -6.48 -12.14 -19.54
C THR A 130 -6.85 -12.95 -18.30
N LEU A 131 -6.56 -12.40 -17.13
CA LEU A 131 -6.69 -13.14 -15.86
C LEU A 131 -7.59 -12.38 -14.92
N ASN A 132 -7.79 -12.89 -13.72
CA ASN A 132 -8.56 -12.13 -12.70
C ASN A 132 -7.93 -10.75 -12.56
N PRO A 133 -8.73 -9.66 -12.58
CA PRO A 133 -8.20 -8.31 -12.45
C PRO A 133 -8.33 -7.76 -11.04
N VAL A 134 -7.40 -6.90 -10.63
CA VAL A 134 -7.47 -6.09 -9.37
C VAL A 134 -7.65 -4.64 -9.80
N GLY A 135 -8.85 -4.06 -9.64
CA GLY A 135 -9.16 -2.69 -10.07
C GLY A 135 -9.13 -2.54 -11.59
N ASP A 136 -8.81 -1.33 -12.09
CA ASP A 136 -8.75 -1.00 -13.54
C ASP A 136 -7.76 -1.96 -14.23
N LYS A 137 -6.57 -2.15 -13.65
CA LYS A 137 -5.53 -3.07 -14.19
C LYS A 137 -6.00 -4.52 -14.09
N SER A 138 -5.54 -5.39 -15.00
CA SER A 138 -5.86 -6.85 -15.06
C SER A 138 -4.62 -7.69 -15.40
N ASP A 139 -4.47 -8.85 -14.75
CA ASP A 139 -3.27 -9.75 -14.82
C ASP A 139 -3.45 -10.55 -16.12
N ASP A 140 -2.42 -11.14 -16.71
CA ASP A 140 -2.54 -11.95 -17.95
C ASP A 140 -1.31 -12.84 -18.13
N PHE A 141 -1.46 -14.13 -18.37
CA PHE A 141 -0.28 -14.97 -18.74
C PHE A 141 0.01 -14.64 -20.21
N THR A 142 1.26 -14.31 -20.50
CA THR A 142 1.67 -13.75 -21.81
C THR A 142 2.88 -14.53 -22.29
N VAL A 143 2.81 -15.10 -23.50
CA VAL A 143 3.80 -16.13 -23.91
C VAL A 143 4.84 -15.53 -24.82
N THR A 144 6.00 -15.20 -24.30
CA THR A 144 7.10 -14.61 -25.09
C THR A 144 7.97 -15.78 -25.56
N GLY A 145 9.20 -15.50 -26.01
CA GLY A 145 10.23 -16.50 -26.38
C GLY A 145 10.16 -16.85 -27.85
N ASP A 146 11.33 -16.95 -28.51
CA ASP A 146 11.46 -17.28 -29.95
C ASP A 146 10.47 -18.41 -30.30
N HIS A 147 10.49 -19.51 -29.54
CA HIS A 147 9.70 -20.74 -29.84
C HIS A 147 8.46 -20.77 -28.94
N GLN A 148 8.09 -19.59 -28.44
CA GLN A 148 6.88 -19.32 -27.63
C GLN A 148 6.87 -20.26 -26.43
N GLN A 149 8.00 -20.40 -25.74
CA GLN A 149 8.16 -21.45 -24.70
C GLN A 149 8.51 -20.78 -23.38
N ILE A 150 7.91 -19.62 -23.10
CA ILE A 150 8.18 -18.76 -21.91
C ILE A 150 6.91 -18.06 -21.38
N LEU A 151 6.30 -18.57 -20.29
CA LEU A 151 5.02 -18.01 -19.76
C LEU A 151 5.45 -16.92 -18.79
N THR A 152 4.94 -15.71 -18.94
CA THR A 152 5.17 -14.60 -18.00
C THR A 152 3.81 -14.09 -17.60
N LEU A 153 3.51 -14.15 -16.30
CA LEU A 153 2.24 -13.67 -15.68
C LEU A 153 2.56 -12.39 -14.97
N THR A 154 2.00 -11.24 -15.41
CA THR A 154 2.15 -9.90 -14.79
C THR A 154 1.20 -9.83 -13.59
N LYS A 155 1.68 -9.66 -12.36
CA LYS A 155 0.72 -9.54 -11.20
C LYS A 155 0.62 -8.06 -10.80
N TYR A 156 -0.54 -7.45 -11.05
CA TYR A 156 -0.88 -6.10 -10.56
C TYR A 156 -1.13 -6.18 -9.06
N ASP A 157 -0.50 -5.30 -8.30
CA ASP A 157 -0.82 -5.09 -6.86
C ASP A 157 -1.77 -3.89 -6.69
N GLU A 158 -2.83 -4.03 -5.87
CA GLU A 158 -3.70 -2.87 -5.50
C GLU A 158 -3.08 -2.15 -4.31
N PRO A 159 -2.86 -0.81 -4.44
CA PRO A 159 -2.26 0.02 -3.40
C PRO A 159 -3.09 -0.09 -2.12
N LYS A 160 -2.42 -0.28 -0.99
CA LYS A 160 -3.10 -0.63 0.27
C LYS A 160 -3.93 0.58 0.71
N PRO A 161 -4.92 0.40 1.62
CA PRO A 161 -5.70 1.52 2.14
C PRO A 161 -4.83 2.58 2.80
N SER A 162 -5.13 3.85 2.54
CA SER A 162 -4.35 5.03 3.00
C SER A 162 -5.20 5.99 3.85
N MET A 163 -4.52 6.80 4.67
CA MET A 163 -5.11 7.87 5.50
C MET A 163 -4.66 9.25 4.98
N THR A 164 -5.42 10.28 5.36
CA THR A 164 -5.23 11.72 5.05
C THR A 164 -5.36 12.53 6.34
N LEU A 165 -4.37 13.36 6.62
CA LEU A 165 -4.38 14.19 7.86
C LEU A 165 -4.53 15.66 7.49
N ARG A 166 -5.58 16.29 8.03
CA ARG A 166 -5.87 17.72 7.72
C ARG A 166 -5.97 18.51 9.03
N VAL A 167 -5.53 19.76 8.93
CA VAL A 167 -5.28 20.65 10.10
C VAL A 167 -6.01 21.97 9.90
N ILE A 168 -6.57 22.51 10.99
CA ILE A 168 -7.33 23.79 10.94
C ILE A 168 -6.87 24.69 12.10
N LYS A 169 -6.25 25.82 11.74
CA LYS A 169 -5.61 26.71 12.74
C LYS A 169 -6.63 27.72 13.24
N GLN A 170 -6.84 27.74 14.55
CA GLN A 170 -8.01 28.39 15.16
C GLN A 170 -7.52 29.10 16.42
N ASP A 171 -7.77 30.40 16.53
CA ASP A 171 -7.37 31.16 17.75
C ASP A 171 -8.44 30.93 18.85
N ASN A 172 -8.24 31.62 19.97
CA ASN A 172 -9.07 31.57 21.19
C ASN A 172 -10.48 32.04 20.82
N GLN A 173 -10.55 32.97 19.87
CA GLN A 173 -11.79 33.67 19.45
C GLN A 173 -12.45 32.91 18.28
N SER A 174 -12.15 31.62 18.08
CA SER A 174 -12.75 30.79 17.00
C SER A 174 -12.53 31.46 15.64
N GLN A 175 -11.42 32.19 15.49
CA GLN A 175 -11.04 32.93 14.26
C GLN A 175 -9.83 32.20 13.65
N TYR A 176 -10.01 31.75 12.41
CA TYR A 176 -9.02 30.99 11.61
C TYR A 176 -7.71 31.74 11.52
N LEU A 177 -6.62 31.02 11.58
CA LEU A 177 -5.30 31.67 11.67
C LEU A 177 -4.40 31.08 10.60
N ALA A 178 -3.49 31.85 10.02
CA ALA A 178 -2.62 31.41 8.93
C ALA A 178 -1.18 31.68 9.36
N GLY A 179 -0.20 31.19 8.59
CA GLY A 179 1.22 31.34 8.93
C GLY A 179 1.61 30.41 10.08
N ALA A 180 0.66 29.58 10.55
CA ALA A 180 0.84 28.63 11.67
C ALA A 180 1.35 27.33 11.07
N ALA A 181 2.63 27.10 11.18
CA ALA A 181 3.28 25.87 10.69
C ALA A 181 2.86 24.72 11.60
N PHE A 182 2.78 23.53 10.98
CA PHE A 182 2.48 22.21 11.60
C PHE A 182 3.33 21.20 10.83
N THR A 183 4.34 20.62 11.49
CA THR A 183 5.30 19.74 10.77
C THR A 183 4.89 18.29 10.91
N LEU A 184 4.84 17.61 9.78
CA LEU A 184 4.64 16.14 9.75
C LEU A 184 6.01 15.46 9.73
N GLN A 185 6.43 14.89 10.86
CA GLN A 185 7.70 14.12 10.93
C GLN A 185 7.35 12.64 10.85
N PRO A 186 7.67 11.99 9.70
CA PRO A 186 7.43 10.56 9.55
C PRO A 186 8.62 9.81 10.15
N SER A 187 8.48 8.48 10.22
CA SER A 187 9.52 7.49 10.54
C SER A 187 10.74 7.74 9.64
N ALA A 188 10.49 7.82 8.34
CA ALA A 188 11.54 7.88 7.30
C ALA A 188 10.98 8.66 6.11
N GLY A 189 11.87 9.14 5.23
CA GLY A 189 11.54 10.05 4.12
C GLY A 189 11.46 11.49 4.61
N GLU A 190 11.28 12.44 3.69
CA GLU A 190 11.36 13.90 3.97
C GLU A 190 10.28 14.30 4.98
N ALA A 191 10.66 15.01 6.04
CA ALA A 191 9.68 15.63 6.97
C ALA A 191 9.03 16.80 6.26
N GLU A 192 7.74 17.00 6.46
CA GLU A 192 6.90 17.91 5.65
C GLU A 192 6.28 18.94 6.58
N THR A 193 6.33 20.19 6.16
CA THR A 193 5.80 21.34 6.93
C THR A 193 4.74 22.01 6.09
N ILE A 194 3.47 21.89 6.45
CA ILE A 194 2.43 22.81 5.90
C ILE A 194 2.46 24.09 6.74
N THR A 195 2.06 25.19 6.11
CA THR A 195 1.67 26.46 6.78
C THR A 195 0.13 26.56 6.76
N SER A 196 -0.48 26.74 7.93
CA SER A 196 -1.95 26.64 8.03
C SER A 196 -2.56 27.75 7.21
N SER A 197 -3.65 27.42 6.54
CA SER A 197 -4.59 28.41 5.97
C SER A 197 -5.58 28.79 7.07
N ALA A 198 -5.97 30.06 7.03
CA ALA A 198 -7.11 30.60 7.79
C ALA A 198 -8.38 30.32 6.97
N THR A 199 -8.72 29.02 6.89
CA THR A 199 -9.87 28.45 6.11
C THR A 199 -10.62 27.45 6.99
N SER A 200 -11.95 27.45 6.87
CA SER A 200 -12.82 26.36 7.35
C SER A 200 -12.30 25.05 6.78
N GLU A 201 -11.82 25.07 5.53
CA GLU A 201 -11.16 23.91 4.88
C GLU A 201 -9.95 23.53 5.74
N GLY A 202 -9.01 24.47 5.88
CA GLY A 202 -7.72 24.29 6.56
C GLY A 202 -6.67 23.78 5.59
N GLN A 203 -5.79 22.92 6.07
CA GLN A 203 -4.69 22.36 5.26
C GLN A 203 -4.55 20.88 5.59
N ALA A 204 -4.41 20.07 4.55
CA ALA A 204 -3.94 18.67 4.64
C ALA A 204 -2.51 18.63 4.12
N PHE A 205 -1.73 17.70 4.64
CA PHE A 205 -0.29 17.63 4.32
C PHE A 205 -0.13 16.94 2.97
N ALA A 206 0.97 17.30 2.29
CA ALA A 206 1.40 16.81 0.97
C ALA A 206 1.66 15.30 1.03
N THR A 207 1.80 14.76 2.23
CA THR A 207 2.18 13.35 2.43
C THR A 207 1.02 12.59 3.07
N LYS A 208 0.30 11.79 2.28
CA LYS A 208 -0.77 10.86 2.75
C LYS A 208 -0.13 9.93 3.78
N LEU A 209 -0.96 9.29 4.60
CA LEU A 209 -0.48 8.60 5.82
C LEU A 209 -0.54 7.09 5.57
N VAL A 210 0.64 6.46 5.54
CA VAL A 210 0.84 5.02 5.19
C VAL A 210 0.22 4.14 6.29
N ALA A 211 -0.14 2.89 5.94
CA ALA A 211 -0.59 1.84 6.89
C ALA A 211 0.66 1.22 7.45
N ASP A 212 0.65 0.85 8.75
CA ASP A 212 1.85 0.36 9.50
C ASP A 212 3.02 1.33 9.27
N GLY A 213 2.77 2.65 9.30
CA GLY A 213 3.79 3.71 9.37
C GLY A 213 3.59 4.56 10.61
N THR A 214 4.64 5.16 11.14
CA THR A 214 4.56 5.93 12.42
C THR A 214 5.04 7.37 12.17
N TYR A 215 4.40 8.37 12.79
CA TYR A 215 4.54 9.83 12.46
C TYR A 215 4.40 10.71 13.70
N THR A 216 5.02 11.89 13.67
CA THR A 216 4.86 12.96 14.70
C THR A 216 4.38 14.24 14.01
N MET A 217 3.32 14.87 14.54
CA MET A 217 2.87 16.26 14.19
C MET A 217 3.09 17.18 15.37
N SER A 218 3.78 18.28 15.15
CA SER A 218 3.98 19.36 16.15
C SER A 218 3.78 20.70 15.46
N GLU A 219 3.36 21.72 16.18
CA GLU A 219 3.35 23.09 15.62
C GLU A 219 4.80 23.44 15.27
N THR A 220 5.14 23.58 13.99
CA THR A 220 6.54 23.79 13.52
C THR A 220 7.01 25.09 14.16
N LYS A 221 6.15 26.08 14.02
CA LYS A 221 6.36 27.39 14.65
C LYS A 221 4.99 27.85 15.12
N ALA A 222 4.97 28.59 16.23
CA ALA A 222 3.83 29.41 16.65
C ALA A 222 3.49 30.37 15.52
N PRO A 223 2.20 30.66 15.26
CA PRO A 223 1.84 31.71 14.30
C PRO A 223 2.12 33.06 14.95
N ASP A 224 3.37 33.55 14.81
CA ASP A 224 3.82 34.86 15.32
C ASP A 224 3.37 35.02 16.81
N GLY A 225 2.40 35.91 17.09
CA GLY A 225 2.08 36.39 18.44
C GLY A 225 1.23 35.42 19.27
N TYR A 226 0.84 34.28 18.73
CA TYR A 226 0.14 33.26 19.56
C TYR A 226 1.23 32.48 20.31
N GLN A 227 0.83 31.80 21.39
CA GLN A 227 1.70 30.96 22.24
C GLN A 227 2.13 29.74 21.42
N SER A 228 3.35 29.26 21.60
CA SER A 228 3.78 27.98 21.00
C SER A 228 3.01 26.84 21.67
N ASN A 229 2.67 25.80 20.92
CA ASN A 229 2.22 24.53 21.54
C ASN A 229 3.37 23.56 21.40
N PRO A 230 3.91 23.08 22.54
CA PRO A 230 5.13 22.27 22.53
C PRO A 230 4.78 20.80 22.29
N ALA A 231 3.56 20.41 22.70
CA ALA A 231 3.11 19.00 22.80
C ALA A 231 3.09 18.46 21.39
N LYS A 232 3.52 17.21 21.24
CA LYS A 232 3.73 16.56 19.94
C LYS A 232 2.62 15.51 19.75
N ILE A 233 2.00 15.49 18.56
CA ILE A 233 0.98 14.48 18.14
C ILE A 233 1.73 13.25 17.64
N ALA A 234 1.40 12.07 18.18
CA ALA A 234 1.92 10.77 17.70
C ALA A 234 0.79 10.04 16.94
N ILE A 235 1.02 9.63 15.68
CA ILE A 235 -0.02 8.89 14.89
C ILE A 235 0.61 7.62 14.28
N GLN A 236 0.05 6.47 14.64
CA GLN A 236 0.52 5.13 14.18
C GLN A 236 -0.60 4.51 13.34
N VAL A 237 -0.27 4.01 12.16
CA VAL A 237 -1.27 3.40 11.25
C VAL A 237 -1.21 1.87 11.44
N ALA A 238 -2.35 1.22 11.56
CA ALA A 238 -2.42 -0.25 11.66
C ALA A 238 -2.16 -0.79 10.25
N THR A 239 -1.79 -2.07 10.17
CA THR A 239 -1.51 -2.80 8.91
C THR A 239 -2.78 -2.78 8.04
N THR A 240 -3.95 -2.69 8.69
CA THR A 240 -5.31 -2.48 8.09
C THR A 240 -5.29 -1.27 7.13
N GLY A 241 -4.83 -0.11 7.59
CA GLY A 241 -4.84 1.15 6.82
C GLY A 241 -6.00 2.06 7.21
N LYS A 242 -6.94 1.63 8.05
CA LYS A 242 -7.74 2.60 8.86
C LYS A 242 -7.44 2.29 10.34
N GLU A 243 -6.66 3.14 10.98
CA GLU A 243 -6.22 2.95 12.39
C GLU A 243 -6.00 4.32 13.02
N ALA A 244 -6.16 4.36 14.33
CA ALA A 244 -6.48 5.57 15.12
C ALA A 244 -5.51 5.63 16.30
N THR A 245 -4.28 5.16 16.11
CA THR A 245 -3.26 5.10 17.18
C THR A 245 -2.54 6.44 17.24
N VAL A 246 -2.95 7.33 18.16
CA VAL A 246 -2.43 8.72 18.25
C VAL A 246 -2.34 9.19 19.71
N THR A 247 -1.14 9.57 20.14
CA THR A 247 -0.83 9.87 21.56
C THR A 247 0.09 11.09 21.64
N ILE A 248 -0.50 12.28 21.46
CA ILE A 248 0.17 13.61 21.63
C ILE A 248 0.65 13.75 23.08
N ASP A 249 1.85 14.32 23.25
CA ASP A 249 2.65 14.34 24.51
C ASP A 249 2.67 12.91 25.07
N GLY A 250 1.98 12.64 26.19
CA GLY A 250 2.04 11.36 26.92
C GLY A 250 0.98 10.35 26.47
N GLU A 251 -0.26 10.81 26.27
CA GLU A 251 -1.46 9.93 26.29
C GLU A 251 -2.30 10.09 25.02
N ALA A 252 -3.31 9.24 24.87
CA ALA A 252 -4.17 9.16 23.67
C ALA A 252 -5.64 9.41 24.06
N LEU A 253 -6.47 9.73 23.08
CA LEU A 253 -7.86 10.15 23.35
C LEU A 253 -8.81 9.57 22.31
N LYS A 254 -10.08 9.44 22.71
CA LYS A 254 -11.21 9.16 21.79
C LYS A 254 -11.62 10.47 21.11
N PRO A 255 -11.69 10.50 19.76
CA PRO A 255 -12.33 11.61 19.06
C PRO A 255 -13.85 11.54 19.24
N SER A 258 -11.44 17.39 22.26
CA SER A 258 -10.42 18.45 22.20
C SER A 258 -9.60 18.37 23.48
N LYS A 259 -8.46 17.70 23.43
CA LYS A 259 -7.51 17.70 24.55
C LYS A 259 -6.30 18.51 24.09
N ASN A 260 -5.92 19.50 24.94
CA ASN A 260 -4.72 20.33 24.74
C ASN A 260 -4.99 21.28 23.57
N GLY A 261 -6.27 21.65 23.36
CA GLY A 261 -6.72 22.56 22.28
C GLY A 261 -6.57 21.95 20.89
N TYR A 262 -6.30 20.64 20.89
CA TYR A 262 -6.10 19.79 19.71
C TYR A 262 -7.39 19.00 19.51
N THR A 263 -8.03 19.12 18.35
CA THR A 263 -9.29 18.37 18.10
C THR A 263 -9.03 17.43 16.93
N LEU A 264 -9.50 16.17 17.03
CA LEU A 264 -9.42 15.14 15.95
C LEU A 264 -10.83 14.83 15.46
N ALA A 265 -11.03 14.81 14.14
CA ALA A 265 -12.31 14.39 13.54
C ALA A 265 -12.03 13.41 12.42
N ILE A 266 -12.69 12.27 12.50
CA ILE A 266 -12.57 11.15 11.53
C ILE A 266 -13.83 11.18 10.65
N ASP A 267 -13.64 11.39 9.34
CA ASP A 267 -14.65 11.09 8.30
C ASP A 267 -14.02 10.03 7.37
N GLY A 268 -13.83 8.82 7.91
CA GLY A 268 -13.25 7.64 7.24
C GLY A 268 -11.78 7.84 6.88
N SER A 269 -11.53 8.22 5.62
CA SER A 269 -10.20 8.25 4.95
C SER A 269 -9.32 9.31 5.61
N THR A 270 -9.91 10.24 6.36
CA THR A 270 -9.23 11.45 6.87
C THR A 270 -9.41 11.61 8.39
N ILE A 271 -8.27 11.73 9.08
CA ILE A 271 -8.17 12.23 10.47
C ILE A 271 -7.84 13.74 10.39
N THR A 272 -8.74 14.61 10.85
CA THR A 272 -8.55 16.09 10.76
C THR A 272 -8.35 16.67 12.17
N LEU A 273 -7.44 17.65 12.28
CA LEU A 273 -7.03 18.26 13.57
C LEU A 273 -7.33 19.77 13.63
N GLN A 274 -7.99 20.23 14.71
CA GLN A 274 -8.33 21.66 14.83
C GLN A 274 -7.68 22.20 16.10
N ALA A 275 -6.85 23.23 15.94
CA ALA A 275 -5.90 23.68 16.97
C ALA A 275 -6.26 25.10 17.37
N ILE A 276 -6.44 25.32 18.68
CA ILE A 276 -6.69 26.68 19.20
C ILE A 276 -5.41 27.22 19.83
N ASN A 277 -4.97 28.34 19.29
CA ASN A 277 -3.72 29.03 19.70
C ASN A 277 -4.05 30.01 20.82
N GLN A 278 -3.02 30.58 21.43
CA GLN A 278 -3.16 31.40 22.64
C GLN A 278 -2.43 32.70 22.39
N PRO A 279 -3.08 33.85 22.60
CA PRO A 279 -2.47 35.13 22.23
C PRO A 279 -1.35 35.31 23.25
N LEU A 280 -0.13 35.59 22.81
CA LEU A 280 1.07 35.52 23.70
C LEU A 280 0.83 36.52 24.84
N ALA A 281 0.97 36.06 26.09
CA ALA A 281 0.70 36.82 27.33
C ALA A 281 1.62 38.06 27.41
N ILE A 282 1.11 39.26 27.62
CA ILE A 282 1.89 40.51 27.33
C ILE A 282 2.17 41.29 28.62
N LEU A 283 3.35 41.91 28.72
CA LEU A 283 3.88 42.37 30.04
C LEU A 283 4.14 43.87 29.97
N PRO A 284 3.68 44.65 30.96
CA PRO A 284 3.81 46.10 30.90
C PRO A 284 5.23 46.60 31.19
I IOD B . -0.65 -30.69 -0.47
I IOD C . 1.54 -10.11 3.92
I IOD D . 6.29 -29.62 -1.81
I IOD E . -4.86 -5.25 3.34
I IOD F . 4.28 2.16 1.64
I IOD G . 9.41 -0.31 3.11
#